data_4HSP
#
_entry.id   4HSP
#
_cell.length_a   119.033
_cell.length_b   119.033
_cell.length_c   60.972
_cell.angle_alpha   90.000
_cell.angle_beta   90.000
_cell.angle_gamma   120.000
#
_symmetry.space_group_name_H-M   'P 62 2 2'
#
loop_
_entity.id
_entity.type
_entity.pdbx_description
1 polymer 'hypothetical protein'
2 non-polymer 'SULFATE ION'
3 non-polymer 1,2-ETHANEDIOL
4 water water
#
_entity_poly.entity_id   1
_entity_poly.type   'polypeptide(L)'
_entity_poly.pdbx_seq_one_letter_code
;GAPRELTWSQLIPAGAPPAPAPLPIHDLANALSEAGPAASQQSPNAPVVKALDGIEAKLPGYIVPLEISEAGLVTEFLLV
PYYGACIHVPPPPSNQIVYVKTAKGVQ(MSE)DELYQPFWVEGTFKVENASSELAAAGYR(MSE)QASKVTPYEYEGG
;
_entity_poly.pdbx_strand_id   A
#
# COMPACT_ATOMS: atom_id res chain seq x y z
N GLY A 1 4.21 -1.91 -22.15
CA GLY A 1 4.97 -0.71 -22.45
C GLY A 1 5.28 0.15 -21.24
N ALA A 2 5.53 1.45 -21.47
CA ALA A 2 5.86 2.44 -20.45
C ALA A 2 4.73 2.54 -19.41
N PRO A 3 5.04 2.47 -18.10
CA PRO A 3 3.96 2.56 -17.12
C PRO A 3 3.38 3.97 -16.97
N ARG A 4 2.06 4.03 -16.72
CA ARG A 4 1.29 5.25 -16.41
C ARG A 4 1.60 5.58 -14.97
N GLU A 5 2.17 6.75 -14.69
CA GLU A 5 2.42 7.16 -13.31
C GLU A 5 1.11 7.52 -12.64
N LEU A 6 0.90 7.01 -11.44
CA LEU A 6 -0.26 7.27 -10.63
C LEU A 6 0.12 8.06 -9.38
N THR A 7 -0.85 8.77 -8.80
CA THR A 7 -0.74 9.42 -7.49
C THR A 7 -1.67 8.63 -6.60
N TRP A 8 -1.51 8.70 -5.27
CA TRP A 8 -2.41 8.00 -4.38
C TRP A 8 -3.83 8.53 -4.47
N SER A 9 -4.03 9.81 -4.79
CA SER A 9 -5.37 10.42 -4.90
C SER A 9 -6.14 9.88 -6.12
N GLN A 10 -5.44 9.31 -7.14
CA GLN A 10 -6.08 8.74 -8.34
C GLN A 10 -6.67 7.34 -8.01
N LEU A 11 -6.38 6.82 -6.80
CA LEU A 11 -6.86 5.52 -6.37
C LEU A 11 -8.16 5.68 -5.58
N ILE A 12 -8.59 6.92 -5.34
CA ILE A 12 -9.83 7.23 -4.65
C ILE A 12 -10.84 7.72 -5.69
N PRO A 13 -11.97 6.98 -5.89
CA PRO A 13 -12.96 7.43 -6.88
C PRO A 13 -13.66 8.72 -6.47
N ALA A 14 -14.20 9.43 -7.46
CA ALA A 14 -14.95 10.66 -7.30
C ALA A 14 -16.15 10.40 -6.38
N GLY A 15 -16.25 11.20 -5.31
CA GLY A 15 -17.34 11.08 -4.34
C GLY A 15 -16.99 10.28 -3.10
N ALA A 16 -15.96 9.42 -3.20
CA ALA A 16 -15.51 8.59 -2.09
C ALA A 16 -14.78 9.44 -1.03
N PRO A 17 -14.82 9.05 0.26
CA PRO A 17 -14.12 9.87 1.30
C PRO A 17 -12.62 9.97 1.04
N PRO A 18 -11.98 11.15 1.28
CA PRO A 18 -10.52 11.23 1.10
C PRO A 18 -9.79 10.47 2.19
N ALA A 19 -8.49 10.23 1.97
CA ALA A 19 -7.65 9.52 2.92
C ALA A 19 -7.56 10.33 4.25
N PRO A 20 -7.74 9.68 5.41
CA PRO A 20 -7.68 10.44 6.66
C PRO A 20 -6.26 10.85 7.03
N ALA A 21 -6.14 11.60 8.13
CA ALA A 21 -4.87 11.98 8.71
C ALA A 21 -4.02 10.73 8.95
N PRO A 22 -2.80 10.74 8.41
CA PRO A 22 -1.88 9.59 8.58
C PRO A 22 -1.43 9.42 10.04
N LEU A 23 -1.54 10.49 10.88
CA LEU A 23 -1.23 10.49 12.31
C LEU A 23 -2.49 10.77 13.09
N PRO A 24 -3.29 9.74 13.45
CA PRO A 24 -4.55 9.98 14.19
C PRO A 24 -4.40 10.71 15.52
N ILE A 25 -5.45 11.43 15.92
CA ILE A 25 -5.52 12.10 17.21
C ILE A 25 -5.41 11.03 18.30
N HIS A 26 -4.86 11.42 19.44
CA HIS A 26 -4.58 10.57 20.59
C HIS A 26 -5.76 9.70 21.01
N ASP A 27 -6.93 10.29 21.18
CA ASP A 27 -8.10 9.52 21.62
C ASP A 27 -8.49 8.43 20.60
N LEU A 28 -8.35 8.71 19.28
CA LEU A 28 -8.62 7.77 18.20
C LEU A 28 -7.58 6.64 18.17
N ALA A 29 -6.28 6.95 18.25
CA ALA A 29 -5.22 5.93 18.26
C ALA A 29 -5.41 5.00 19.49
N ASN A 30 -5.79 5.56 20.66
CA ASN A 30 -6.08 4.77 21.85
C ASN A 30 -7.34 3.92 21.63
N ALA A 31 -8.40 4.48 21.00
CA ALA A 31 -9.63 3.73 20.75
C ALA A 31 -9.40 2.54 19.83
N LEU A 32 -8.54 2.68 18.82
CA LEU A 32 -8.22 1.62 17.84
C LEU A 32 -7.24 0.61 18.43
N SER A 33 -6.40 1.05 19.39
CA SER A 33 -5.45 0.23 20.13
C SER A 33 -6.22 -0.68 21.07
N GLU A 34 -7.18 -0.11 21.85
CA GLU A 34 -8.03 -0.84 22.80
C GLU A 34 -8.92 -1.84 22.05
N ALA A 35 -9.43 -1.45 20.87
CA ALA A 35 -10.22 -2.32 20.01
C ALA A 35 -9.29 -3.39 19.40
N GLY A 36 -9.88 -4.51 19.01
CA GLY A 36 -9.16 -5.64 18.44
C GLY A 36 -8.30 -5.36 17.22
N PRO A 37 -7.55 -6.38 16.73
CA PRO A 37 -6.72 -6.19 15.53
C PRO A 37 -7.55 -6.09 14.25
N ALA A 38 -8.84 -6.46 14.37
CA ALA A 38 -9.82 -6.39 13.27
C ALA A 38 -10.15 -4.92 12.97
N ALA A 39 -10.43 -4.16 14.04
CA ALA A 39 -10.82 -2.77 14.07
C ALA A 39 -9.71 -1.79 13.68
N SER A 40 -8.43 -2.23 13.60
CA SER A 40 -7.29 -1.38 13.24
C SER A 40 -7.57 -0.55 11.97
N GLN A 41 -8.04 -1.23 10.88
CA GLN A 41 -8.31 -0.58 9.60
C GLN A 41 -9.78 -0.20 9.55
N GLN A 42 -10.05 1.12 9.65
CA GLN A 42 -11.42 1.60 9.74
C GLN A 42 -12.18 1.62 8.42
N SER A 43 -11.50 1.61 7.27
CA SER A 43 -12.17 1.51 5.97
C SER A 43 -11.55 0.33 5.20
N PRO A 44 -11.95 -0.92 5.52
CA PRO A 44 -11.35 -2.08 4.87
C PRO A 44 -12.00 -2.45 3.54
N ASN A 45 -13.06 -1.73 3.15
CA ASN A 45 -13.71 -2.04 1.90
C ASN A 45 -14.14 -0.74 1.21
N ALA A 46 -13.17 0.20 1.15
CA ALA A 46 -13.28 1.53 0.58
C ALA A 46 -13.53 1.46 -0.93
N PRO A 47 -14.36 2.37 -1.52
CA PRO A 47 -14.59 2.32 -2.99
C PRO A 47 -13.31 2.41 -3.83
N VAL A 48 -13.26 1.67 -4.95
CA VAL A 48 -12.09 1.58 -5.84
C VAL A 48 -12.40 2.16 -7.25
N VAL A 49 -11.34 2.61 -7.97
CA VAL A 49 -11.41 3.14 -9.34
C VAL A 49 -11.26 1.96 -10.28
N LYS A 50 -12.40 1.45 -10.79
CA LYS A 50 -12.46 0.29 -11.68
C LYS A 50 -11.77 0.51 -13.04
N ALA A 51 -11.58 1.77 -13.49
CA ALA A 51 -10.93 2.08 -14.78
C ALA A 51 -9.41 1.84 -14.75
N LEU A 52 -8.89 1.50 -13.58
CA LEU A 52 -7.47 1.24 -13.41
C LEU A 52 -7.13 -0.23 -13.67
N ASP A 53 -8.15 -1.10 -13.78
CA ASP A 53 -7.94 -2.55 -13.93
C ASP A 53 -7.25 -2.92 -15.21
N GLY A 54 -6.12 -3.62 -15.09
CA GLY A 54 -5.34 -4.13 -16.21
C GLY A 54 -4.29 -3.21 -16.77
N ILE A 55 -4.12 -2.00 -16.22
CA ILE A 55 -3.14 -1.08 -16.80
C ILE A 55 -1.71 -1.40 -16.29
N GLU A 56 -0.69 -0.87 -16.98
CA GLU A 56 0.72 -0.91 -16.57
C GLU A 56 0.90 0.37 -15.79
N ALA A 57 1.06 0.29 -14.47
CA ALA A 57 1.13 1.49 -13.62
C ALA A 57 2.45 1.62 -12.87
N LYS A 58 2.69 2.82 -12.33
CA LYS A 58 3.89 3.18 -11.54
C LYS A 58 3.40 4.04 -10.37
N LEU A 59 3.67 3.60 -9.17
CA LEU A 59 3.21 4.32 -7.98
C LEU A 59 4.32 4.43 -6.94
N PRO A 60 4.49 5.59 -6.23
CA PRO A 60 5.52 5.66 -5.17
C PRO A 60 4.95 5.24 -3.81
N GLY A 61 5.80 4.80 -2.91
CA GLY A 61 5.33 4.43 -1.58
C GLY A 61 6.33 3.71 -0.70
N TYR A 62 5.87 3.28 0.47
CA TYR A 62 6.66 2.57 1.45
C TYR A 62 6.26 1.11 1.49
N ILE A 63 7.21 0.22 1.78
CA ILE A 63 6.99 -1.23 1.75
C ILE A 63 6.79 -1.81 3.17
N VAL A 64 5.63 -2.51 3.36
CA VAL A 64 5.23 -3.28 4.53
C VAL A 64 5.42 -4.75 4.13
N PRO A 65 6.54 -5.39 4.51
CA PRO A 65 6.79 -6.77 4.05
C PRO A 65 5.80 -7.79 4.59
N LEU A 66 5.46 -8.79 3.74
CA LEU A 66 4.51 -9.83 4.08
C LEU A 66 5.08 -11.23 3.93
N GLU A 67 6.05 -11.41 3.02
CA GLU A 67 6.67 -12.68 2.73
C GLU A 67 8.17 -12.50 2.39
N ILE A 68 9.01 -13.41 2.91
CA ILE A 68 10.46 -13.44 2.65
C ILE A 68 10.77 -14.68 1.83
N SER A 69 11.64 -14.54 0.82
CA SER A 69 12.08 -15.61 -0.05
C SER A 69 13.19 -16.44 0.58
N GLU A 70 13.61 -17.49 -0.15
CA GLU A 70 14.70 -18.40 0.23
C GLU A 70 16.04 -17.63 0.28
N ALA A 71 16.17 -16.62 -0.63
CA ALA A 71 17.30 -15.70 -0.83
C ALA A 71 17.36 -14.54 0.23
N GLY A 72 16.35 -14.46 1.11
CA GLY A 72 16.28 -13.42 2.15
C GLY A 72 15.78 -12.08 1.63
N LEU A 73 14.95 -12.10 0.58
CA LEU A 73 14.36 -10.90 -0.02
C LEU A 73 12.85 -10.86 0.18
N VAL A 74 12.27 -9.66 0.22
CA VAL A 74 10.84 -9.47 0.35
C VAL A 74 10.22 -9.64 -1.03
N THR A 75 9.31 -10.61 -1.17
CA THR A 75 8.69 -10.91 -2.45
C THR A 75 7.19 -10.63 -2.46
N GLU A 76 6.58 -10.40 -1.28
CA GLU A 76 5.17 -10.04 -1.14
C GLU A 76 5.07 -8.94 -0.10
N PHE A 77 4.39 -7.86 -0.44
CA PHE A 77 4.27 -6.74 0.49
C PHE A 77 3.10 -5.85 0.20
N LEU A 78 2.77 -4.97 1.16
CA LEU A 78 1.79 -3.91 0.98
C LEU A 78 2.54 -2.62 0.63
N LEU A 79 2.12 -1.94 -0.44
CA LEU A 79 2.59 -0.61 -0.83
C LEU A 79 1.59 0.35 -0.24
N VAL A 80 2.10 1.26 0.57
CA VAL A 80 1.33 2.24 1.33
C VAL A 80 1.92 3.66 1.06
N PRO A 81 1.14 4.74 1.27
CA PRO A 81 1.65 6.07 0.96
C PRO A 81 2.52 6.70 2.07
N TYR A 82 2.64 6.04 3.20
CA TYR A 82 3.43 6.59 4.29
C TYR A 82 4.10 5.51 5.08
N TYR A 83 5.30 5.85 5.58
CA TYR A 83 6.09 4.95 6.38
C TYR A 83 5.37 4.71 7.71
N GLY A 84 5.45 3.48 8.18
CA GLY A 84 4.87 3.09 9.46
C GLY A 84 3.46 2.56 9.40
N ALA A 85 2.77 2.74 8.25
CA ALA A 85 1.40 2.27 8.04
C ALA A 85 1.30 0.81 8.40
N CYS A 86 0.35 0.49 9.31
CA CYS A 86 -0.02 -0.82 9.87
C CYS A 86 0.81 -1.17 11.08
N ILE A 87 1.98 -0.53 11.26
CA ILE A 87 2.91 -0.85 12.34
C ILE A 87 2.91 0.20 13.45
N HIS A 88 3.26 1.44 13.11
CA HIS A 88 3.37 2.54 14.08
C HIS A 88 2.08 3.35 14.18
N VAL A 89 1.28 3.35 13.11
CA VAL A 89 -0.02 4.03 13.03
C VAL A 89 -1.02 3.05 12.44
N PRO A 90 -2.35 3.27 12.57
CA PRO A 90 -3.32 2.35 11.94
C PRO A 90 -3.17 2.19 10.42
N PRO A 91 -3.59 1.04 9.84
CA PRO A 91 -3.52 0.88 8.38
C PRO A 91 -4.29 1.96 7.61
N PRO A 92 -3.84 2.35 6.38
CA PRO A 92 -4.63 3.30 5.57
C PRO A 92 -5.95 2.67 5.07
N PRO A 93 -6.91 3.43 4.48
CA PRO A 93 -8.10 2.78 3.87
C PRO A 93 -7.66 1.81 2.76
N SER A 94 -8.47 0.79 2.44
CA SER A 94 -8.11 -0.27 1.48
C SER A 94 -7.88 0.22 0.04
N ASN A 95 -8.26 1.48 -0.25
CA ASN A 95 -8.06 2.06 -1.59
C ASN A 95 -6.82 2.96 -1.57
N GLN A 96 -6.01 2.85 -0.50
CA GLN A 96 -4.74 3.53 -0.29
C GLN A 96 -3.69 2.46 0.08
N ILE A 97 -3.90 1.24 -0.42
CA ILE A 97 -3.03 0.07 -0.25
C ILE A 97 -3.04 -0.74 -1.56
N VAL A 98 -1.86 -1.19 -2.00
CA VAL A 98 -1.67 -2.11 -3.11
C VAL A 98 -0.95 -3.37 -2.56
N TYR A 99 -1.53 -4.55 -2.78
CA TYR A 99 -0.88 -5.83 -2.47
C TYR A 99 0.03 -6.15 -3.66
N VAL A 100 1.35 -6.13 -3.45
CA VAL A 100 2.35 -6.34 -4.49
C VAL A 100 3.04 -7.71 -4.33
N LYS A 101 3.24 -8.43 -5.47
CA LYS A 101 4.00 -9.68 -5.66
C LYS A 101 5.14 -9.36 -6.64
N THR A 102 6.39 -9.68 -6.28
CA THR A 102 7.54 -9.42 -7.15
C THR A 102 8.47 -10.67 -7.23
N ALA A 103 8.94 -10.99 -8.44
CA ALA A 103 9.88 -12.09 -8.66
C ALA A 103 11.29 -11.62 -8.26
N LYS A 104 11.65 -10.36 -8.59
CA LYS A 104 12.90 -9.69 -8.20
C LYS A 104 12.62 -9.05 -6.83
N GLY A 105 13.01 -9.75 -5.78
CA GLY A 105 12.78 -9.32 -4.40
C GLY A 105 13.51 -8.06 -3.98
N VAL A 106 13.10 -7.48 -2.84
CA VAL A 106 13.72 -6.30 -2.27
C VAL A 106 14.41 -6.70 -0.97
N GLN A 107 15.58 -6.11 -0.71
CA GLN A 107 16.38 -6.32 0.50
C GLN A 107 15.62 -5.80 1.71
N ASP A 109 16.67 -4.90 4.59
CA ASP A 109 17.46 -3.81 5.18
C ASP A 109 17.03 -2.41 4.70
N GLU A 110 16.99 -2.22 3.36
CA GLU A 110 16.71 -0.95 2.71
C GLU A 110 15.18 -0.58 2.58
N LEU A 111 14.34 -0.94 3.58
CA LEU A 111 12.92 -0.62 3.57
C LEU A 111 12.55 0.64 4.36
N TYR A 112 13.55 1.46 4.71
CA TYR A 112 13.43 2.71 5.46
C TYR A 112 13.14 3.86 4.48
N GLN A 113 13.38 3.60 3.19
CA GLN A 113 13.21 4.58 2.12
C GLN A 113 11.98 4.28 1.28
N PRO A 114 11.45 5.30 0.55
CA PRO A 114 10.34 5.00 -0.36
C PRO A 114 10.87 4.39 -1.64
N PHE A 115 9.98 3.75 -2.38
CA PHE A 115 10.27 3.11 -3.66
C PHE A 115 9.27 3.48 -4.72
N TRP A 116 9.64 3.26 -5.99
CA TRP A 116 8.80 3.27 -7.18
C TRP A 116 8.46 1.80 -7.48
N VAL A 117 7.18 1.44 -7.50
CA VAL A 117 6.74 0.09 -7.87
C VAL A 117 6.02 0.19 -9.24
N GLU A 118 6.57 -0.45 -10.26
CA GLU A 118 6.02 -0.52 -11.62
C GLU A 118 5.56 -1.93 -11.89
N GLY A 119 4.45 -2.08 -12.59
CA GLY A 119 3.96 -3.40 -12.99
C GLY A 119 2.52 -3.43 -13.44
N THR A 120 1.97 -4.62 -13.67
CA THR A 120 0.58 -4.81 -14.07
C THR A 120 -0.30 -4.53 -12.85
N PHE A 121 -1.26 -3.61 -13.02
CA PHE A 121 -2.15 -3.13 -11.99
C PHE A 121 -3.54 -3.71 -12.14
N LYS A 122 -4.05 -4.32 -11.08
CA LYS A 122 -5.35 -4.99 -11.00
C LYS A 122 -6.25 -4.41 -9.91
N VAL A 123 -7.53 -4.31 -10.19
CA VAL A 123 -8.55 -3.87 -9.25
C VAL A 123 -9.21 -5.16 -8.77
N GLU A 124 -8.58 -5.76 -7.74
CA GLU A 124 -8.94 -7.04 -7.15
C GLU A 124 -8.66 -6.99 -5.67
N ASN A 125 -9.59 -7.53 -4.88
CA ASN A 125 -9.46 -7.55 -3.44
C ASN A 125 -8.34 -8.48 -2.99
N ALA A 126 -7.61 -8.05 -1.95
CA ALA A 126 -6.50 -8.80 -1.35
C ALA A 126 -6.53 -8.59 0.18
N SER A 127 -6.59 -9.65 0.93
CA SER A 127 -6.64 -9.51 2.36
C SER A 127 -5.47 -10.15 3.03
N SER A 128 -5.09 -9.56 4.15
CA SER A 128 -4.07 -10.03 5.08
C SER A 128 -4.59 -9.71 6.45
N GLU A 129 -4.01 -10.31 7.48
CA GLU A 129 -4.45 -10.06 8.84
C GLU A 129 -4.09 -8.60 9.26
N LEU A 130 -3.09 -8.04 8.59
CA LEU A 130 -2.53 -6.71 8.79
C LEU A 130 -3.43 -5.65 8.20
N ALA A 131 -4.00 -5.91 7.00
CA ALA A 131 -4.86 -4.96 6.29
C ALA A 131 -5.46 -5.56 5.02
N ALA A 132 -6.60 -5.02 4.60
CA ALA A 132 -7.27 -5.35 3.36
C ALA A 132 -6.87 -4.30 2.31
N ALA A 133 -6.71 -4.73 1.04
CA ALA A 133 -6.38 -3.87 -0.10
C ALA A 133 -7.41 -4.07 -1.20
N GLY A 134 -7.70 -3.00 -1.95
CA GLY A 134 -8.63 -3.02 -3.06
C GLY A 134 -7.93 -3.14 -4.40
N TYR A 135 -6.59 -3.09 -4.36
CA TYR A 135 -5.70 -3.14 -5.52
C TYR A 135 -4.59 -4.15 -5.36
N ARG A 136 -4.15 -4.72 -6.49
CA ARG A 136 -3.05 -5.68 -6.58
C ARG A 136 -2.08 -5.25 -7.71
N GLN A 138 1.54 -6.94 -9.85
CA GLN A 138 2.57 -7.90 -10.16
C GLN A 138 3.70 -7.03 -10.66
N ALA A 139 4.63 -6.69 -9.78
CA ALA A 139 5.70 -5.77 -10.11
C ALA A 139 6.75 -6.35 -11.08
N SER A 140 7.14 -5.50 -12.05
CA SER A 140 8.20 -5.68 -13.05
C SER A 140 9.49 -5.07 -12.52
N LYS A 141 9.35 -3.98 -11.73
CA LYS A 141 10.46 -3.20 -11.17
C LYS A 141 10.06 -2.55 -9.85
N VAL A 142 10.97 -2.67 -8.88
CA VAL A 142 10.91 -2.05 -7.54
C VAL A 142 12.25 -1.35 -7.41
N THR A 143 12.22 -0.04 -7.46
CA THR A 143 13.42 0.80 -7.48
C THR A 143 13.26 1.89 -6.44
N PRO A 144 14.37 2.23 -5.72
CA PRO A 144 14.27 3.30 -4.71
C PRO A 144 13.85 4.64 -5.31
N TYR A 145 13.02 5.38 -4.56
CA TYR A 145 12.55 6.72 -4.89
C TYR A 145 13.75 7.65 -4.78
N GLU A 146 14.15 8.22 -5.89
CA GLU A 146 15.34 9.05 -5.88
C GLU A 146 14.97 10.50 -5.66
N TYR A 147 15.66 11.09 -4.66
CA TYR A 147 15.56 12.50 -4.29
C TYR A 147 16.81 12.91 -3.53
N GLU A 148 17.42 14.03 -3.97
CA GLU A 148 18.61 14.65 -3.37
C GLU A 148 18.26 16.04 -2.78
N GLY A 149 18.47 16.17 -1.46
CA GLY A 149 18.21 17.39 -0.71
C GLY A 149 19.17 18.50 -1.03
#